data_5BNI
#
_entry.id   5BNI
#
_cell.length_a   69.507
_cell.length_b   104.973
_cell.length_c   63.785
_cell.angle_alpha   90.000
_cell.angle_beta   90.000
_cell.angle_gamma   90.000
#
_symmetry.space_group_name_H-M   'P 21 21 2'
#
loop_
_entity.id
_entity.type
_entity.pdbx_description
1 polymer 'Uncharacterized protein'
2 non-polymer '[(2R,3S,4R,5R)-5-(6-amino-9H-purin-9-yl)-3,4-dihydroxytetrahydrofuran-2-yl]methyl [(2R,3R,4S)-4-fluoro-3-hydroxytetrahydrofuran-2-yl]methyl dihydrogen diphosphate'
3 water water
#
_entity_poly.entity_id   1
_entity_poly.type   'polypeptide(L)'
_entity_poly.pdbx_seq_one_letter_code
;WNGKGSTVDFQEIILRRCYTYIRVVQPELGDRDCQKIKKAFTDAFISKDPCSAREEDYDLLMKLGHQTVPCDKTVFWSKT
KELAHQYTKTQKGLFTLENTLLGYIADDLSWCGKVGSSEINLESCPDRRNCNSNFVSVFWNLLSKRFAENACGMVQVFLN
GSISNAFDKTSTFGRVEVHSLQPSKVHTLKAWVIHDSGKTPRDTCSGSSINELQLILRGKNIKFTCQENYRP
;
_entity_poly.pdbx_strand_id   A,B
#
# COMPACT_ATOMS: atom_id res chain seq x y z
N TRP A 1 9.88 3.17 18.55
CA TRP A 1 8.68 2.69 17.83
C TRP A 1 7.69 2.00 18.75
N ASN A 2 6.45 1.86 18.28
CA ASN A 2 5.40 1.22 19.04
C ASN A 2 5.29 -0.30 18.85
N GLY A 3 5.68 -0.78 17.69
CA GLY A 3 5.59 -2.20 17.43
C GLY A 3 6.57 -3.01 18.23
N LYS A 4 6.29 -4.30 18.31
CA LYS A 4 7.13 -5.25 19.03
C LYS A 4 8.55 -5.26 18.47
N GLY A 5 9.51 -5.48 19.35
CA GLY A 5 10.91 -5.52 18.92
C GLY A 5 11.14 -6.80 18.17
N SER A 6 12.27 -6.90 17.46
CA SER A 6 12.55 -8.09 16.71
C SER A 6 12.58 -9.29 17.67
N THR A 7 11.91 -10.39 17.29
CA THR A 7 11.88 -11.61 18.11
C THR A 7 13.33 -12.07 18.36
N VAL A 8 13.67 -12.34 19.62
CA VAL A 8 15.01 -12.80 19.98
C VAL A 8 15.33 -14.12 19.29
N ASP A 9 16.56 -14.24 18.78
CA ASP A 9 16.95 -15.48 18.09
C ASP A 9 16.14 -15.76 16.83
N PHE A 10 15.63 -14.69 16.22
CA PHE A 10 14.83 -14.75 15.00
C PHE A 10 15.43 -15.59 13.89
N GLN A 11 16.66 -15.30 13.50
CA GLN A 11 17.32 -16.02 12.43
C GLN A 11 17.35 -17.51 12.68
N GLU A 12 17.61 -17.91 13.92
CA GLU A 12 17.63 -19.33 14.25
C GLU A 12 16.26 -19.92 14.16
N ILE A 13 15.29 -19.18 14.69
CA ILE A 13 13.92 -19.62 14.68
C ILE A 13 13.33 -19.85 13.29
N ILE A 14 13.58 -18.97 12.32
CA ILE A 14 13.06 -19.19 10.96
C ILE A 14 13.76 -20.38 10.30
N LEU A 15 15.03 -20.59 10.65
CA LEU A 15 15.77 -21.71 10.09
C LEU A 15 15.23 -23.06 10.61
N ARG A 16 14.98 -23.13 11.91
CA ARG A 16 14.43 -24.34 12.51
C ARG A 16 13.05 -24.63 11.96
N ARG A 17 12.22 -23.60 11.91
CA ARG A 17 10.86 -23.75 11.44
C ARG A 17 10.87 -24.18 10.00
N CYS A 18 11.83 -23.65 9.26
CA CYS A 18 11.91 -24.03 7.85
C CYS A 18 12.27 -25.46 7.67
N TYR A 19 13.18 -25.95 8.49
CA TYR A 19 13.61 -27.35 8.41
C TYR A 19 12.50 -28.31 8.80
N THR A 20 11.78 -27.98 9.87
CA THR A 20 10.65 -28.80 10.34
C THR A 20 9.62 -28.90 9.24
N TYR A 21 9.37 -27.78 8.58
CA TYR A 21 8.38 -27.71 7.52
C TYR A 21 8.73 -28.60 6.35
N ILE A 22 9.97 -28.55 5.88
CA ILE A 22 10.35 -29.37 4.73
C ILE A 22 10.75 -30.81 5.09
N ARG A 23 10.65 -31.15 6.37
CA ARG A 23 10.95 -32.51 6.82
C ARG A 23 9.69 -33.19 7.29
N VAL A 24 9.00 -32.52 8.20
CA VAL A 24 7.82 -33.07 8.83
C VAL A 24 6.51 -32.58 8.23
N VAL A 25 6.33 -31.28 8.11
CA VAL A 25 5.06 -30.74 7.61
C VAL A 25 4.74 -31.03 6.13
N GLN A 26 5.70 -30.83 5.25
CA GLN A 26 5.47 -31.08 3.82
C GLN A 26 6.75 -31.56 3.14
N PRO A 27 7.10 -32.85 3.32
CA PRO A 27 8.31 -33.51 2.80
C PRO A 27 8.50 -33.30 1.31
N GLU A 28 7.41 -32.95 0.65
CA GLU A 28 7.42 -32.71 -0.78
C GLU A 28 8.35 -31.57 -1.15
N LEU A 29 8.61 -30.67 -0.21
CA LEU A 29 9.51 -29.53 -0.42
C LEU A 29 10.87 -29.80 0.21
N GLY A 30 11.17 -31.07 0.49
CA GLY A 30 12.45 -31.42 1.09
C GLY A 30 13.62 -30.92 0.24
N ASP A 31 13.32 -30.58 -0.99
CA ASP A 31 14.28 -30.09 -1.98
C ASP A 31 14.84 -28.68 -1.66
N ARG A 32 14.01 -27.81 -1.09
CA ARG A 32 14.41 -26.44 -0.77
C ARG A 32 15.63 -26.35 0.14
N ASP A 33 16.34 -25.25 0.02
CA ASP A 33 17.49 -24.97 0.86
C ASP A 33 17.07 -23.97 1.92
N CYS A 34 16.73 -24.47 3.11
CA CYS A 34 16.26 -23.66 4.23
C CYS A 34 17.31 -22.64 4.69
N GLN A 35 18.55 -22.88 4.32
CA GLN A 35 19.63 -21.98 4.66
C GLN A 35 19.65 -20.76 3.74
N LYS A 36 19.45 -20.99 2.45
CA LYS A 36 19.41 -19.91 1.48
C LYS A 36 18.21 -19.05 1.82
N ILE A 37 17.11 -19.71 2.16
CA ILE A 37 15.87 -19.05 2.52
C ILE A 37 16.02 -18.16 3.76
N LYS A 38 16.70 -18.65 4.78
CA LYS A 38 16.90 -17.86 6.00
C LYS A 38 17.63 -16.59 5.69
N LYS A 39 18.67 -16.72 4.86
CA LYS A 39 19.52 -15.62 4.45
C LYS A 39 18.82 -14.64 3.52
N ALA A 40 17.92 -15.16 2.69
CA ALA A 40 17.17 -14.31 1.78
C ALA A 40 16.30 -13.41 2.62
N PHE A 41 15.75 -13.99 3.69
CA PHE A 41 14.83 -13.30 4.58
C PHE A 41 15.49 -12.16 5.34
N THR A 42 16.67 -12.40 5.89
CA THR A 42 17.39 -11.40 6.64
C THR A 42 17.87 -10.27 5.75
N ASP A 43 18.48 -10.61 4.61
CA ASP A 43 19.00 -9.63 3.67
C ASP A 43 17.92 -8.62 3.31
N ALA A 44 16.69 -9.10 3.19
CA ALA A 44 15.56 -8.25 2.82
C ALA A 44 15.36 -7.03 3.69
N PHE A 45 15.51 -7.18 5.00
CA PHE A 45 15.27 -6.05 5.92
C PHE A 45 16.49 -5.52 6.67
N ILE A 46 17.47 -6.37 6.90
CA ILE A 46 18.63 -6.01 7.69
C ILE A 46 19.41 -4.77 7.20
N SER A 47 19.69 -3.85 8.11
CA SER A 47 20.45 -2.62 7.86
C SER A 47 19.75 -1.59 7.00
N LYS A 48 18.42 -1.62 6.98
CA LYS A 48 17.67 -0.67 6.19
C LYS A 48 16.71 0.05 7.10
N ASP A 49 16.38 1.29 6.76
CA ASP A 49 15.42 2.06 7.54
C ASP A 49 14.19 1.16 7.70
N PRO A 50 13.69 0.96 8.92
CA PRO A 50 12.52 0.07 9.08
C PRO A 50 11.18 0.59 8.50
N CYS A 51 11.14 1.84 8.02
CA CYS A 51 9.94 2.41 7.39
C CYS A 51 10.08 2.55 5.87
N SER A 52 11.18 2.04 5.33
CA SER A 52 11.44 2.13 3.90
C SER A 52 11.08 0.88 3.09
N ALA A 53 10.54 -0.14 3.74
CA ALA A 53 10.22 -1.41 3.08
C ALA A 53 9.32 -1.31 1.86
N ARG A 54 9.67 -2.09 0.85
CA ARG A 54 8.95 -2.21 -0.41
C ARG A 54 8.85 -3.69 -0.75
N GLU A 55 7.75 -4.07 -1.39
CA GLU A 55 7.57 -5.48 -1.77
C GLU A 55 8.72 -6.05 -2.57
N GLU A 56 9.37 -5.20 -3.37
CA GLU A 56 10.49 -5.61 -4.22
C GLU A 56 11.67 -6.10 -3.39
N ASP A 57 11.64 -5.83 -2.09
CA ASP A 57 12.71 -6.26 -1.19
C ASP A 57 12.63 -7.75 -0.93
N TYR A 58 11.42 -8.29 -1.10
CA TYR A 58 11.15 -9.69 -0.84
C TYR A 58 11.18 -10.55 -2.08
N ASP A 59 11.53 -9.98 -3.22
CA ASP A 59 11.59 -10.72 -4.49
C ASP A 59 12.27 -12.08 -4.35
N LEU A 60 13.51 -12.10 -3.86
CA LEU A 60 14.25 -13.36 -3.72
C LEU A 60 13.58 -14.34 -2.77
N LEU A 61 13.22 -13.86 -1.59
CA LEU A 61 12.58 -14.72 -0.61
C LEU A 61 11.31 -15.35 -1.18
N MET A 62 10.58 -14.58 -1.99
CA MET A 62 9.33 -15.08 -2.59
C MET A 62 9.58 -16.14 -3.65
N LYS A 63 10.70 -16.04 -4.34
CA LYS A 63 11.07 -17.00 -5.36
C LYS A 63 11.53 -18.30 -4.71
N LEU A 64 12.38 -18.18 -3.68
CA LEU A 64 12.91 -19.32 -2.94
C LEU A 64 11.82 -20.10 -2.25
N GLY A 65 10.89 -19.39 -1.60
CA GLY A 65 9.81 -20.02 -0.88
C GLY A 65 8.50 -20.11 -1.65
N HIS A 66 8.54 -20.36 -2.96
CA HIS A 66 7.30 -20.47 -3.75
C HIS A 66 6.54 -21.76 -3.42
N GLN A 67 5.22 -21.73 -3.53
CA GLN A 67 4.43 -22.93 -3.25
C GLN A 67 3.03 -22.72 -3.81
N THR A 68 2.45 -23.75 -4.41
CA THR A 68 1.08 -23.64 -4.87
C THR A 68 0.33 -24.75 -4.19
N VAL A 69 -0.67 -24.38 -3.41
CA VAL A 69 -1.47 -25.35 -2.71
C VAL A 69 -2.48 -26.00 -3.66
N PRO A 70 -2.99 -27.18 -3.28
CA PRO A 70 -3.94 -27.94 -4.10
C PRO A 70 -5.18 -27.12 -4.40
N CYS A 71 -5.75 -27.22 -5.60
CA CYS A 71 -6.94 -26.45 -5.91
C CYS A 71 -8.01 -26.91 -4.95
N ASP A 72 -8.94 -25.99 -4.64
CA ASP A 72 -10.03 -26.29 -3.74
C ASP A 72 -9.63 -26.30 -2.27
N LYS A 73 -8.36 -26.08 -1.95
CA LYS A 73 -7.91 -26.14 -0.58
C LYS A 73 -7.54 -24.81 0.06
N THR A 74 -7.64 -23.71 -0.68
CA THR A 74 -7.33 -22.40 -0.12
C THR A 74 -8.44 -21.92 0.80
N VAL A 75 -8.07 -21.48 2.00
CA VAL A 75 -9.04 -21.00 2.99
C VAL A 75 -8.62 -19.64 3.57
N PHE A 76 -9.62 -18.89 4.03
CA PHE A 76 -9.40 -17.59 4.65
C PHE A 76 -10.25 -17.48 5.90
N TRP A 77 -9.65 -17.02 6.99
CA TRP A 77 -10.39 -16.79 8.22
C TRP A 77 -10.38 -15.29 8.41
N SER A 78 -11.53 -14.64 8.24
CA SER A 78 -11.62 -13.19 8.34
C SER A 78 -12.27 -12.79 9.64
N LYS A 79 -11.51 -12.07 10.47
CA LYS A 79 -11.96 -11.65 11.79
C LYS A 79 -12.43 -12.88 12.58
N THR A 80 -11.97 -14.04 12.14
CA THR A 80 -12.35 -15.30 12.75
C THR A 80 -11.11 -16.19 12.97
N LYS A 81 -9.94 -15.56 13.01
CA LYS A 81 -8.69 -16.32 13.12
C LYS A 81 -8.52 -17.12 14.43
N GLU A 82 -8.85 -16.52 15.57
CA GLU A 82 -8.76 -17.29 16.81
C GLU A 82 -9.81 -18.40 16.79
N LEU A 83 -10.93 -18.14 16.12
CA LEU A 83 -12.05 -19.06 16.05
C LEU A 83 -11.73 -20.37 15.33
N ALA A 84 -10.77 -20.34 14.41
CA ALA A 84 -10.36 -21.51 13.62
C ALA A 84 -10.11 -22.74 14.48
N HIS A 85 -9.83 -22.53 15.76
CA HIS A 85 -9.50 -23.60 16.70
C HIS A 85 -10.57 -24.65 17.02
N GLN A 86 -11.85 -24.30 16.92
CA GLN A 86 -12.93 -25.26 17.18
C GLN A 86 -13.22 -26.14 15.95
N TYR A 87 -12.94 -25.59 14.77
CA TYR A 87 -13.12 -26.25 13.48
C TYR A 87 -11.94 -27.09 13.01
N THR A 88 -10.84 -27.07 13.75
CA THR A 88 -9.62 -27.79 13.33
C THR A 88 -9.77 -29.23 12.77
N LYS A 89 -10.67 -30.04 13.34
CA LYS A 89 -10.84 -31.42 12.83
C LYS A 89 -11.35 -31.43 11.37
N THR A 90 -12.21 -30.47 11.09
CA THR A 90 -12.85 -30.24 9.78
C THR A 90 -11.87 -29.63 8.78
N GLN A 91 -10.85 -28.95 9.30
CA GLN A 91 -9.87 -28.23 8.52
C GLN A 91 -8.57 -28.97 8.09
N LYS A 92 -8.41 -30.23 8.45
CA LYS A 92 -7.19 -30.96 8.11
C LYS A 92 -6.71 -30.97 6.66
N GLY A 93 -7.60 -30.78 5.70
CA GLY A 93 -7.15 -30.72 4.30
C GLY A 93 -6.77 -29.32 3.82
N LEU A 94 -7.49 -28.36 4.36
CA LEU A 94 -7.38 -26.97 3.97
C LEU A 94 -6.08 -26.27 4.32
N PHE A 95 -5.74 -25.27 3.51
CA PHE A 95 -4.54 -24.46 3.70
C PHE A 95 -4.86 -23.01 3.97
N THR A 96 -4.38 -22.48 5.09
CA THR A 96 -4.52 -21.06 5.37
C THR A 96 -3.14 -20.52 5.03
N LEU A 97 -3.01 -19.20 5.01
CA LEU A 97 -1.74 -18.55 4.73
C LEU A 97 -0.67 -19.03 5.67
N GLU A 98 -1.05 -19.24 6.93
CA GLU A 98 -0.14 -19.73 7.97
C GLU A 98 0.39 -21.12 7.64
N ASN A 99 -0.34 -21.86 6.81
CA ASN A 99 0.02 -23.23 6.44
C ASN A 99 1.00 -23.34 5.28
N THR A 100 1.32 -22.21 4.64
CA THR A 100 2.28 -22.19 3.53
C THR A 100 3.65 -22.16 4.18
N LEU A 101 4.69 -22.48 3.41
CA LEU A 101 6.05 -22.50 3.92
C LEU A 101 6.46 -21.16 4.50
N LEU A 102 6.27 -20.11 3.72
CA LEU A 102 6.60 -18.76 4.17
C LEU A 102 5.73 -18.28 5.32
N GLY A 103 4.45 -18.62 5.29
CA GLY A 103 3.55 -18.17 6.34
C GLY A 103 3.87 -18.85 7.65
N TYR A 104 4.28 -20.12 7.55
CA TYR A 104 4.62 -20.97 8.67
C TYR A 104 5.85 -20.53 9.46
N ILE A 105 6.91 -20.11 8.78
CA ILE A 105 8.12 -19.68 9.49
C ILE A 105 8.02 -18.27 10.05
N ALA A 106 7.32 -17.40 9.36
CA ALA A 106 7.12 -16.00 9.77
C ALA A 106 6.02 -15.85 10.85
N ASP A 107 5.21 -16.89 11.06
CA ASP A 107 4.07 -16.86 12.00
C ASP A 107 4.37 -16.36 13.40
N ASP A 108 3.71 -15.27 13.78
CA ASP A 108 3.82 -14.65 15.09
C ASP A 108 5.17 -14.03 15.39
N LEU A 109 6.01 -13.87 14.38
CA LEU A 109 7.32 -13.29 14.62
C LEU A 109 7.34 -11.79 14.31
N SER A 110 8.42 -11.13 14.71
CA SER A 110 8.62 -9.73 14.42
C SER A 110 10.08 -9.51 14.04
N TRP A 111 10.33 -8.53 13.18
CA TRP A 111 11.66 -8.27 12.70
C TRP A 111 11.77 -6.88 12.08
N CYS A 112 12.91 -6.23 12.34
CA CYS A 112 13.22 -4.93 11.77
C CYS A 112 14.70 -4.69 11.92
N GLY A 113 15.29 -4.11 10.89
CA GLY A 113 16.69 -3.79 10.96
C GLY A 113 16.84 -2.35 11.34
N LYS A 114 18.03 -1.84 11.12
CA LYS A 114 18.28 -0.44 11.42
C LYS A 114 19.44 0.01 10.55
N VAL A 115 19.49 1.30 10.27
CA VAL A 115 20.58 1.86 9.48
C VAL A 115 21.91 1.77 10.24
N GLY A 116 22.93 1.25 9.56
CA GLY A 116 24.24 1.09 10.17
C GLY A 116 24.34 -0.13 11.05
N SER A 117 23.38 -1.04 10.97
CA SER A 117 23.39 -2.23 11.81
C SER A 117 23.23 -3.57 11.09
N SER A 118 24.20 -4.46 11.31
CA SER A 118 24.17 -5.80 10.73
C SER A 118 23.22 -6.73 11.49
N GLU A 119 22.63 -6.20 12.56
CA GLU A 119 21.78 -6.98 13.46
C GLU A 119 20.33 -6.56 13.53
N ILE A 120 19.45 -7.52 13.84
CA ILE A 120 18.04 -7.21 13.99
C ILE A 120 17.93 -6.16 15.08
N ASN A 121 16.76 -5.56 15.24
CA ASN A 121 16.55 -4.55 16.29
C ASN A 121 15.64 -5.14 17.34
N LEU A 122 16.21 -5.47 18.49
CA LEU A 122 15.46 -6.08 19.59
C LEU A 122 14.56 -5.14 20.39
N GLU A 123 14.91 -3.85 20.45
CA GLU A 123 14.16 -2.87 21.21
C GLU A 123 12.73 -2.63 20.74
N SER A 124 12.58 -2.27 19.46
CA SER A 124 11.26 -2.00 18.89
C SER A 124 11.31 -2.02 17.38
N CYS A 125 10.14 -2.05 16.78
CA CYS A 125 10.00 -2.05 15.35
C CYS A 125 8.78 -1.18 15.06
N PRO A 126 8.78 -0.45 13.93
CA PRO A 126 7.59 0.36 13.64
C PRO A 126 6.43 -0.55 13.29
N ASP A 127 5.26 -0.33 13.89
CA ASP A 127 4.11 -1.15 13.55
C ASP A 127 3.33 -0.45 12.44
N ARG A 128 2.33 -1.13 11.89
CA ARG A 128 1.53 -0.61 10.81
C ARG A 128 1.09 0.84 11.02
N ARG A 129 0.71 1.20 12.25
CA ARG A 129 0.27 2.57 12.48
C ARG A 129 1.41 3.58 12.61
N ASN A 130 2.62 3.11 12.85
CA ASN A 130 3.78 3.96 12.92
C ASN A 130 4.10 4.35 11.47
N CYS A 131 4.16 3.32 10.63
CA CYS A 131 4.40 3.50 9.21
C CYS A 131 3.97 2.17 8.58
N ASN A 132 3.19 2.27 7.50
CA ASN A 132 2.67 1.10 6.82
C ASN A 132 3.75 0.35 6.07
N SER A 133 4.84 1.05 5.79
CA SER A 133 5.94 0.48 5.02
C SER A 133 6.98 -0.19 5.93
N ASN A 134 6.55 -0.79 7.04
CA ASN A 134 7.50 -1.51 7.88
C ASN A 134 7.61 -2.90 7.25
N PHE A 135 8.74 -3.57 7.48
CA PHE A 135 9.03 -4.91 6.93
C PHE A 135 8.12 -6.07 7.29
N VAL A 136 7.49 -6.05 8.45
CA VAL A 136 6.59 -7.14 8.84
C VAL A 136 5.27 -7.02 8.11
N SER A 137 4.75 -5.78 8.05
CA SER A 137 3.48 -5.50 7.37
C SER A 137 3.60 -5.65 5.85
N VAL A 138 4.74 -5.23 5.28
CA VAL A 138 4.91 -5.36 3.85
C VAL A 138 4.92 -6.84 3.48
N PHE A 139 5.51 -7.64 4.35
CA PHE A 139 5.62 -9.09 4.16
C PHE A 139 4.28 -9.80 4.23
N TRP A 140 3.52 -9.56 5.29
CA TRP A 140 2.22 -10.20 5.41
C TRP A 140 1.29 -9.76 4.33
N ASN A 141 1.31 -8.47 4.01
CA ASN A 141 0.44 -7.94 2.97
C ASN A 141 0.75 -8.59 1.66
N LEU A 142 2.04 -8.71 1.35
CA LEU A 142 2.49 -9.31 0.10
C LEU A 142 2.24 -10.82 0.06
N LEU A 143 2.37 -11.49 1.21
CA LEU A 143 2.12 -12.93 1.25
C LEU A 143 0.66 -13.23 0.96
N SER A 144 -0.24 -12.53 1.66
CA SER A 144 -1.68 -12.69 1.47
C SER A 144 -2.12 -12.49 0.01
N LYS A 145 -1.62 -11.41 -0.60
CA LYS A 145 -1.95 -11.07 -1.98
C LYS A 145 -1.54 -12.20 -2.92
N ARG A 146 -0.35 -12.75 -2.67
CA ARG A 146 0.17 -13.87 -3.48
C ARG A 146 -0.63 -15.16 -3.25
N PHE A 147 -1.00 -15.40 -2.00
CA PHE A 147 -1.75 -16.59 -1.60
C PHE A 147 -3.05 -16.61 -2.36
N ALA A 148 -3.68 -15.44 -2.45
CA ALA A 148 -4.96 -15.35 -3.14
C ALA A 148 -4.82 -15.43 -4.65
N GLU A 149 -3.68 -15.00 -5.16
CA GLU A 149 -3.42 -15.03 -6.62
C GLU A 149 -3.18 -16.44 -7.11
N ASN A 150 -2.63 -17.26 -6.23
CA ASN A 150 -2.32 -18.66 -6.56
C ASN A 150 -3.45 -19.58 -6.19
N ALA A 151 -4.52 -19.03 -5.63
CA ALA A 151 -5.65 -19.85 -5.20
C ALA A 151 -6.35 -20.41 -6.41
N CYS A 152 -6.80 -21.66 -6.35
CA CYS A 152 -7.49 -22.21 -7.50
C CYS A 152 -8.66 -23.09 -7.16
N GLY A 153 -9.58 -23.12 -8.12
CA GLY A 153 -10.73 -23.97 -8.02
C GLY A 153 -11.72 -23.28 -7.11
N MET A 154 -12.12 -23.98 -6.04
CA MET A 154 -13.05 -23.41 -5.07
C MET A 154 -12.26 -22.83 -3.91
N VAL A 155 -12.71 -21.70 -3.38
CA VAL A 155 -12.07 -21.00 -2.27
C VAL A 155 -13.12 -20.72 -1.20
N GLN A 156 -12.70 -20.72 0.06
CA GLN A 156 -13.64 -20.45 1.15
C GLN A 156 -13.11 -19.50 2.17
N VAL A 157 -14.02 -18.68 2.70
CA VAL A 157 -13.68 -17.71 3.73
C VAL A 157 -14.65 -17.93 4.88
N PHE A 158 -14.09 -18.04 6.08
CA PHE A 158 -14.88 -18.23 7.25
C PHE A 158 -15.14 -16.88 7.94
N LEU A 159 -16.42 -16.56 8.09
CA LEU A 159 -16.84 -15.29 8.68
C LEU A 159 -17.56 -15.45 9.99
N ASN A 160 -17.61 -14.37 10.75
CA ASN A 160 -18.24 -14.35 12.06
C ASN A 160 -19.68 -13.85 12.00
N GLY A 161 -20.60 -14.68 12.49
CA GLY A 161 -22.00 -14.30 12.49
C GLY A 161 -22.44 -13.69 13.79
N SER A 162 -21.54 -13.62 14.75
CA SER A 162 -21.86 -13.08 16.06
C SER A 162 -21.55 -11.60 16.09
N ILE A 163 -21.19 -11.04 14.94
CA ILE A 163 -20.87 -9.62 14.85
C ILE A 163 -21.63 -8.97 13.71
N SER A 164 -21.94 -7.70 13.89
CA SER A 164 -22.59 -6.95 12.84
C SER A 164 -21.52 -6.86 11.78
N ASN A 165 -21.93 -6.94 10.52
CA ASN A 165 -20.97 -6.86 9.42
C ASN A 165 -19.83 -7.89 9.51
N ALA A 166 -20.18 -9.16 9.32
CA ALA A 166 -19.21 -10.25 9.33
C ALA A 166 -18.18 -10.02 8.23
N PHE A 167 -18.65 -9.55 7.07
CA PHE A 167 -17.74 -9.21 5.99
C PHE A 167 -17.31 -7.77 6.17
N ASP A 168 -16.02 -7.58 6.43
CA ASP A 168 -15.46 -6.27 6.68
C ASP A 168 -14.50 -5.82 5.59
N LYS A 169 -14.82 -4.72 4.90
CA LYS A 169 -13.96 -4.23 3.81
C LYS A 169 -12.64 -3.62 4.25
N THR A 170 -12.48 -3.44 5.56
CA THR A 170 -11.24 -2.92 6.08
C THR A 170 -10.42 -4.09 6.61
N SER A 171 -10.98 -5.30 6.54
CA SER A 171 -10.25 -6.52 6.94
C SER A 171 -9.28 -6.82 5.80
N THR A 172 -8.18 -7.50 6.08
CA THR A 172 -7.25 -7.77 5.01
C THR A 172 -7.87 -8.65 3.93
N PHE A 173 -8.86 -9.46 4.30
CA PHE A 173 -9.53 -10.32 3.33
C PHE A 173 -10.43 -9.47 2.46
N GLY A 174 -11.17 -8.56 3.07
CA GLY A 174 -12.05 -7.71 2.30
C GLY A 174 -11.36 -6.61 1.51
N ARG A 175 -10.20 -6.16 1.98
CA ARG A 175 -9.50 -5.07 1.31
C ARG A 175 -8.49 -5.57 0.30
N VAL A 176 -7.90 -6.74 0.54
CA VAL A 176 -6.83 -7.27 -0.31
C VAL A 176 -7.04 -8.63 -0.98
N GLU A 177 -7.28 -9.68 -0.18
CA GLU A 177 -7.37 -11.05 -0.69
C GLU A 177 -8.43 -11.34 -1.73
N VAL A 178 -9.69 -10.92 -1.52
CA VAL A 178 -10.75 -11.18 -2.50
C VAL A 178 -10.41 -10.54 -3.83
N HIS A 179 -9.83 -9.36 -3.78
CA HIS A 179 -9.49 -8.65 -5.00
C HIS A 179 -8.34 -9.28 -5.76
N SER A 180 -7.52 -10.07 -5.07
CA SER A 180 -6.40 -10.70 -5.73
C SER A 180 -6.74 -12.11 -6.20
N LEU A 181 -7.98 -12.54 -5.98
CA LEU A 181 -8.40 -13.85 -6.49
C LEU A 181 -8.55 -13.66 -8.00
N GLN A 182 -8.21 -14.66 -8.79
CA GLN A 182 -8.29 -14.51 -10.23
C GLN A 182 -9.43 -15.31 -10.87
N PRO A 183 -10.27 -14.65 -11.68
CA PRO A 183 -11.39 -15.34 -12.33
C PRO A 183 -10.89 -16.49 -13.19
N SER A 184 -9.63 -16.42 -13.60
CA SER A 184 -9.09 -17.46 -14.46
C SER A 184 -8.65 -18.74 -13.74
N LYS A 185 -8.61 -18.69 -12.42
CA LYS A 185 -8.20 -19.86 -11.64
C LYS A 185 -9.28 -20.28 -10.67
N VAL A 186 -10.04 -19.30 -10.18
CA VAL A 186 -11.06 -19.52 -9.15
C VAL A 186 -12.47 -19.41 -9.70
N HIS A 187 -13.18 -20.53 -9.76
CA HIS A 187 -14.53 -20.52 -10.27
C HIS A 187 -15.61 -20.11 -9.25
N THR A 188 -15.41 -20.39 -7.97
CA THR A 188 -16.39 -20.01 -6.94
C THR A 188 -15.78 -19.72 -5.58
N LEU A 189 -16.39 -18.79 -4.85
CA LEU A 189 -16.01 -18.50 -3.48
C LEU A 189 -17.13 -18.96 -2.57
N LYS A 190 -16.82 -19.80 -1.60
CA LYS A 190 -17.82 -20.27 -0.68
C LYS A 190 -17.62 -19.56 0.66
N ALA A 191 -18.67 -18.90 1.13
CA ALA A 191 -18.58 -18.18 2.40
C ALA A 191 -19.35 -18.92 3.44
N TRP A 192 -18.77 -19.03 4.63
CA TRP A 192 -19.42 -19.67 5.76
C TRP A 192 -19.56 -18.64 6.85
N VAL A 193 -20.79 -18.39 7.29
CA VAL A 193 -20.97 -17.47 8.40
C VAL A 193 -21.26 -18.34 9.60
N ILE A 194 -20.31 -18.38 10.52
CA ILE A 194 -20.41 -19.25 11.69
C ILE A 194 -21.11 -18.63 12.89
N HIS A 195 -22.08 -19.36 13.42
CA HIS A 195 -22.87 -18.93 14.57
C HIS A 195 -22.62 -19.83 15.80
N ASP A 196 -22.52 -19.22 16.97
CA ASP A 196 -22.46 -20.04 18.17
C ASP A 196 -23.92 -20.40 18.38
N SER A 197 -24.19 -21.66 18.70
CA SER A 197 -25.57 -22.15 18.82
C SER A 197 -26.45 -21.53 19.91
N GLY A 198 -27.74 -21.38 19.59
CA GLY A 198 -28.73 -20.86 20.53
C GLY A 198 -28.75 -19.37 20.79
N LYS A 199 -28.08 -18.59 19.95
CA LYS A 199 -28.07 -17.13 20.10
C LYS A 199 -28.48 -16.43 18.80
N THR A 200 -29.22 -15.33 18.92
CA THR A 200 -29.60 -14.57 17.74
C THR A 200 -28.32 -14.06 17.07
N PRO A 201 -28.20 -14.27 15.75
CA PRO A 201 -27.03 -13.89 14.98
C PRO A 201 -27.06 -12.41 14.59
N ARG A 202 -25.93 -11.74 14.78
CA ARG A 202 -25.84 -10.33 14.46
C ARG A 202 -25.65 -10.06 12.97
N ASP A 203 -25.33 -11.10 12.20
CA ASP A 203 -25.19 -11.00 10.75
C ASP A 203 -25.50 -12.35 10.09
N THR A 204 -26.16 -12.31 8.94
CA THR A 204 -26.53 -13.52 8.19
C THR A 204 -26.10 -13.47 6.73
N CYS A 205 -26.32 -14.58 6.04
CA CYS A 205 -26.05 -14.66 4.62
C CYS A 205 -26.95 -13.64 3.94
N SER A 206 -28.13 -13.44 4.50
CA SER A 206 -29.10 -12.51 3.94
C SER A 206 -28.68 -11.08 4.18
N GLY A 207 -27.75 -10.87 5.10
CA GLY A 207 -27.35 -9.53 5.48
C GLY A 207 -26.67 -8.63 4.44
N SER A 208 -26.57 -7.36 4.78
CA SER A 208 -25.96 -6.33 3.94
C SER A 208 -24.48 -6.53 3.65
N SER A 209 -23.70 -6.90 4.68
CA SER A 209 -22.27 -7.10 4.48
C SER A 209 -21.95 -8.25 3.52
N ILE A 210 -22.66 -9.37 3.64
CA ILE A 210 -22.41 -10.49 2.75
C ILE A 210 -22.88 -10.18 1.32
N ASN A 211 -23.83 -9.26 1.17
CA ASN A 211 -24.26 -8.87 -0.17
C ASN A 211 -23.16 -8.03 -0.77
N GLU A 212 -22.48 -7.26 0.07
CA GLU A 212 -21.36 -6.42 -0.36
C GLU A 212 -20.28 -7.25 -1.03
N LEU A 213 -19.96 -8.39 -0.42
CA LEU A 213 -18.95 -9.31 -0.91
C LEU A 213 -19.39 -9.92 -2.22
N GLN A 214 -20.59 -10.45 -2.20
CA GLN A 214 -21.15 -11.09 -3.38
C GLN A 214 -21.03 -10.16 -4.59
N LEU A 215 -21.13 -8.85 -4.36
CA LEU A 215 -21.02 -7.86 -5.43
C LEU A 215 -19.59 -7.75 -5.97
N ILE A 216 -18.62 -8.00 -5.09
CA ILE A 216 -17.23 -7.97 -5.49
C ILE A 216 -16.94 -9.12 -6.44
N LEU A 217 -17.39 -10.32 -6.04
CA LEU A 217 -17.20 -11.52 -6.81
C LEU A 217 -18.00 -11.49 -8.11
N ARG A 218 -19.16 -10.85 -8.06
CA ARG A 218 -20.00 -10.71 -9.23
C ARG A 218 -19.25 -9.88 -10.26
N GLY A 219 -18.52 -8.87 -9.78
CA GLY A 219 -17.76 -7.98 -10.66
C GLY A 219 -16.58 -8.64 -11.32
N LYS A 220 -16.02 -9.66 -10.68
CA LYS A 220 -14.87 -10.41 -11.22
C LYS A 220 -15.36 -11.66 -11.95
N ASN A 221 -16.67 -11.80 -12.06
CA ASN A 221 -17.24 -12.96 -12.74
C ASN A 221 -16.96 -14.26 -11.99
N ILE A 222 -16.99 -14.20 -10.67
CA ILE A 222 -16.77 -15.37 -9.85
C ILE A 222 -18.03 -15.67 -9.04
N LYS A 223 -18.46 -16.93 -9.09
CA LYS A 223 -19.65 -17.35 -8.40
C LYS A 223 -19.45 -17.21 -6.89
N PHE A 224 -20.55 -16.93 -6.18
CA PHE A 224 -20.51 -16.81 -4.73
C PHE A 224 -21.66 -17.59 -4.11
N THR A 225 -21.37 -18.31 -3.03
CA THR A 225 -22.38 -19.04 -2.29
C THR A 225 -22.15 -18.73 -0.82
N CYS A 226 -23.21 -18.79 -0.03
CA CYS A 226 -23.13 -18.50 1.38
C CYS A 226 -23.97 -19.52 2.16
N GLN A 227 -23.39 -20.04 3.22
CA GLN A 227 -24.09 -21.00 4.02
C GLN A 227 -23.85 -20.61 5.47
N GLU A 228 -24.85 -20.84 6.32
CA GLU A 228 -24.73 -20.56 7.74
C GLU A 228 -24.53 -21.85 8.50
N ASN A 229 -23.48 -21.91 9.32
CA ASN A 229 -23.30 -23.11 10.12
C ASN A 229 -23.01 -22.87 11.58
N TYR A 230 -23.78 -23.56 12.42
CA TYR A 230 -23.55 -23.55 13.83
C TYR A 230 -22.23 -24.28 14.01
N ARG A 231 -21.33 -23.67 14.76
CA ARG A 231 -20.02 -24.27 14.99
C ARG A 231 -20.20 -25.64 15.64
N PRO A 232 -19.18 -26.50 15.54
CA PRO A 232 -19.38 -27.79 16.14
C PRO A 232 -19.01 -27.68 17.63
N TRP B 1 -11.91 10.02 14.72
CA TRP B 1 -10.56 9.88 14.09
C TRP B 1 -9.65 11.05 14.42
N ASN B 2 -8.35 10.81 14.29
CA ASN B 2 -7.34 11.83 14.57
C ASN B 2 -7.21 12.79 13.38
N GLY B 3 -7.44 12.27 12.18
CA GLY B 3 -7.32 13.06 10.97
C GLY B 3 -8.33 14.18 10.84
N LYS B 4 -7.95 15.19 10.08
CA LYS B 4 -8.79 16.34 9.87
C LYS B 4 -10.06 15.96 9.12
N GLY B 5 -11.18 16.55 9.50
CA GLY B 5 -12.46 16.25 8.84
C GLY B 5 -12.49 16.87 7.45
N SER B 6 -13.40 16.40 6.61
CA SER B 6 -13.48 16.86 5.22
C SER B 6 -13.64 18.37 5.14
N THR B 7 -13.02 18.96 4.13
CA THR B 7 -13.12 20.39 3.91
C THR B 7 -14.56 20.73 3.53
N VAL B 8 -15.08 21.82 4.08
CA VAL B 8 -16.45 22.26 3.80
C VAL B 8 -16.65 22.62 2.34
N ASP B 9 -17.85 22.35 1.84
CA ASP B 9 -18.15 22.61 0.45
C ASP B 9 -17.10 21.97 -0.44
N PHE B 10 -16.58 20.85 0.02
CA PHE B 10 -15.59 20.11 -0.73
C PHE B 10 -16.03 20.00 -2.19
N GLN B 11 -17.23 19.49 -2.38
CA GLN B 11 -17.84 19.33 -3.69
C GLN B 11 -17.75 20.67 -4.42
N GLU B 12 -18.11 21.74 -3.73
CA GLU B 12 -18.07 23.06 -4.34
C GLU B 12 -16.66 23.47 -4.78
N ILE B 13 -15.71 23.38 -3.86
CA ILE B 13 -14.34 23.78 -4.11
C ILE B 13 -13.65 23.09 -5.28
N ILE B 14 -13.77 21.76 -5.41
CA ILE B 14 -13.11 21.08 -6.53
C ILE B 14 -13.61 21.60 -7.87
N LEU B 15 -14.89 21.96 -7.91
CA LEU B 15 -15.53 22.46 -9.12
C LEU B 15 -14.93 23.79 -9.61
N ARG B 16 -14.95 24.82 -8.78
CA ARG B 16 -14.38 26.12 -9.13
C ARG B 16 -12.93 25.96 -9.56
N ARG B 17 -12.17 25.20 -8.77
CA ARG B 17 -10.75 24.94 -9.05
C ARG B 17 -10.54 24.22 -10.37
N CYS B 18 -11.36 23.23 -10.65
CA CYS B 18 -11.20 22.49 -11.88
C CYS B 18 -11.45 23.34 -13.12
N TYR B 19 -12.56 24.08 -13.16
CA TYR B 19 -12.84 24.94 -14.30
C TYR B 19 -11.78 26.03 -14.38
N THR B 20 -11.43 26.60 -13.23
CA THR B 20 -10.39 27.62 -13.21
C THR B 20 -9.17 27.06 -13.89
N TYR B 21 -8.82 25.83 -13.54
CA TYR B 21 -7.66 25.16 -14.10
C TYR B 21 -7.74 25.04 -15.62
N ILE B 22 -8.82 24.44 -16.11
CA ILE B 22 -9.00 24.23 -17.56
C ILE B 22 -9.29 25.49 -18.37
N ARG B 23 -10.11 26.39 -17.83
CA ARG B 23 -10.42 27.61 -18.53
C ARG B 23 -9.19 28.50 -18.60
N VAL B 24 -8.50 28.62 -17.46
CA VAL B 24 -7.33 29.48 -17.36
C VAL B 24 -5.95 28.81 -17.28
N VAL B 25 -5.57 28.34 -16.10
CA VAL B 25 -4.25 27.74 -15.83
C VAL B 25 -3.59 27.03 -17.01
N GLN B 26 -4.20 25.93 -17.44
CA GLN B 26 -3.70 25.17 -18.58
C GLN B 26 -4.82 25.21 -19.60
N PRO B 27 -4.85 26.27 -20.42
CA PRO B 27 -5.90 26.50 -21.43
C PRO B 27 -6.08 25.33 -22.39
N GLU B 28 -5.02 24.58 -22.66
CA GLU B 28 -5.09 23.45 -23.58
C GLU B 28 -6.01 22.32 -23.12
N LEU B 29 -6.30 22.29 -21.81
CA LEU B 29 -7.17 21.27 -21.23
C LEU B 29 -8.68 21.56 -21.25
N GLY B 30 -9.11 22.57 -21.98
CA GLY B 30 -10.53 22.89 -22.04
C GLY B 30 -11.47 21.83 -22.58
N ASP B 31 -10.95 20.85 -23.32
CA ASP B 31 -11.76 19.80 -23.95
C ASP B 31 -12.60 18.90 -23.02
N ARG B 32 -12.04 18.47 -21.90
CA ARG B 32 -12.77 17.58 -20.97
C ARG B 32 -13.34 18.37 -19.79
N ASP B 33 -14.60 18.11 -19.45
CA ASP B 33 -15.36 18.89 -18.45
C ASP B 33 -15.08 18.46 -17.04
N CYS B 34 -15.27 19.40 -16.10
CA CYS B 34 -14.99 19.15 -14.68
C CYS B 34 -16.11 18.33 -14.05
N GLN B 35 -17.32 18.55 -14.53
CA GLN B 35 -18.48 17.89 -14.01
C GLN B 35 -18.45 16.36 -14.00
N LYS B 36 -17.92 15.72 -15.05
CA LYS B 36 -17.91 14.25 -15.02
C LYS B 36 -16.94 13.79 -13.97
N ILE B 37 -15.78 14.45 -13.91
CA ILE B 37 -14.73 14.13 -12.94
C ILE B 37 -15.12 14.41 -11.50
N LYS B 38 -15.76 15.56 -11.29
CA LYS B 38 -16.19 15.96 -9.95
C LYS B 38 -17.09 14.86 -9.38
N LYS B 39 -17.88 14.24 -10.25
CA LYS B 39 -18.76 13.16 -9.84
C LYS B 39 -17.94 11.91 -9.55
N ALA B 40 -16.91 11.67 -10.34
CA ALA B 40 -16.03 10.52 -10.18
C ALA B 40 -15.31 10.59 -8.84
N PHE B 41 -14.88 11.80 -8.48
CA PHE B 41 -14.15 12.05 -7.24
C PHE B 41 -15.03 11.69 -6.05
N THR B 42 -16.26 12.20 -6.08
CA THR B 42 -17.26 11.98 -5.06
C THR B 42 -17.66 10.50 -5.01
N ASP B 43 -17.94 9.93 -6.17
CA ASP B 43 -18.33 8.53 -6.28
C ASP B 43 -17.26 7.61 -5.78
N ALA B 44 -16.04 8.09 -5.80
CA ALA B 44 -14.93 7.25 -5.41
C ALA B 44 -14.92 6.88 -3.93
N PHE B 45 -15.41 7.76 -3.07
CA PHE B 45 -15.19 7.58 -1.64
C PHE B 45 -16.44 7.71 -0.81
N ILE B 46 -17.30 8.63 -1.22
CA ILE B 46 -18.50 8.99 -0.50
C ILE B 46 -19.42 7.84 -0.14
N SER B 47 -19.70 7.77 1.16
CA SER B 47 -20.56 6.76 1.74
C SER B 47 -19.92 5.38 1.85
N LYS B 48 -18.58 5.34 1.76
CA LYS B 48 -17.81 4.11 1.89
C LYS B 48 -17.06 4.14 3.20
N ASP B 49 -16.68 2.98 3.74
CA ASP B 49 -15.92 2.98 4.98
C ASP B 49 -14.61 3.77 4.78
N PRO B 50 -14.33 4.76 5.65
CA PRO B 50 -13.13 5.60 5.52
C PRO B 50 -11.79 4.88 5.44
N CYS B 51 -11.69 3.70 6.07
CA CYS B 51 -10.45 2.91 6.09
C CYS B 51 -10.36 1.85 4.99
N SER B 52 -11.39 1.73 4.18
CA SER B 52 -11.44 0.71 3.13
C SER B 52 -10.99 1.18 1.74
N ALA B 53 -10.45 2.39 1.67
CA ALA B 53 -10.00 2.96 0.39
C ALA B 53 -9.08 2.06 -0.43
N ARG B 54 -9.25 2.10 -1.74
CA ARG B 54 -8.42 1.32 -2.65
C ARG B 54 -8.11 2.12 -3.90
N GLU B 55 -7.02 1.75 -4.57
CA GLU B 55 -6.59 2.42 -5.81
C GLU B 55 -7.61 2.36 -6.94
N GLU B 56 -8.31 1.23 -7.03
CA GLU B 56 -9.33 1.04 -8.04
C GLU B 56 -10.47 1.99 -7.79
N ASP B 57 -10.67 2.47 -6.57
CA ASP B 57 -11.78 3.36 -6.36
C ASP B 57 -11.65 4.64 -7.16
N TYR B 58 -10.43 4.94 -7.63
CA TYR B 58 -10.17 6.14 -8.42
C TYR B 58 -9.87 5.91 -9.91
N ASP B 59 -10.27 4.75 -10.44
CA ASP B 59 -10.02 4.43 -11.84
C ASP B 59 -10.65 5.47 -12.74
N LEU B 60 -11.96 5.69 -12.61
CA LEU B 60 -12.63 6.67 -13.44
C LEU B 60 -12.05 8.07 -13.23
N LEU B 61 -11.75 8.41 -12.00
CA LEU B 61 -11.20 9.72 -11.73
C LEU B 61 -9.83 9.86 -12.39
N MET B 62 -9.07 8.78 -12.46
CA MET B 62 -7.75 8.80 -13.09
C MET B 62 -7.86 8.92 -14.59
N LYS B 63 -8.90 8.31 -15.17
CA LYS B 63 -9.11 8.34 -16.60
C LYS B 63 -9.53 9.74 -17.07
N LEU B 64 -10.44 10.37 -16.33
CA LEU B 64 -10.93 11.70 -16.67
C LEU B 64 -9.85 12.77 -16.52
N GLY B 65 -9.03 12.66 -15.49
CA GLY B 65 -7.97 13.62 -15.27
C GLY B 65 -6.64 13.23 -15.90
N HIS B 66 -6.64 12.32 -16.87
CA HIS B 66 -5.38 11.92 -17.48
C HIS B 66 -4.71 13.16 -18.08
N GLN B 67 -3.40 13.24 -17.91
CA GLN B 67 -2.61 14.35 -18.37
C GLN B 67 -1.16 14.02 -18.15
N THR B 68 -0.38 13.98 -19.22
CA THR B 68 1.04 13.76 -19.10
C THR B 68 1.65 15.08 -19.48
N VAL B 69 2.39 15.66 -18.55
CA VAL B 69 3.02 16.94 -18.76
C VAL B 69 4.19 16.83 -19.74
N PRO B 70 4.65 17.97 -20.27
CA PRO B 70 5.75 18.02 -21.23
C PRO B 70 7.10 17.50 -20.70
N CYS B 71 7.85 16.83 -21.55
CA CYS B 71 9.10 16.24 -21.13
C CYS B 71 10.12 17.26 -20.61
N ASP B 72 10.88 16.87 -19.60
CA ASP B 72 11.83 17.76 -18.96
C ASP B 72 11.10 18.79 -18.10
N LYS B 73 9.79 18.67 -18.00
CA LYS B 73 8.98 19.60 -17.24
C LYS B 73 8.64 19.01 -15.86
N THR B 74 8.66 17.68 -15.79
CA THR B 74 8.32 16.97 -14.55
C THR B 74 9.31 17.37 -13.46
N VAL B 75 8.76 17.82 -12.33
CA VAL B 75 9.55 18.26 -11.19
C VAL B 75 9.01 17.70 -9.87
N PHE B 76 9.92 17.37 -8.97
CA PHE B 76 9.59 16.82 -7.66
C PHE B 76 10.20 17.67 -6.55
N TRP B 77 9.70 17.46 -5.34
CA TRP B 77 10.18 18.14 -4.14
C TRP B 77 10.04 17.16 -3.01
N SER B 78 10.96 17.19 -2.06
CA SER B 78 10.82 16.30 -0.95
C SER B 78 11.16 16.97 0.36
N LYS B 79 10.16 17.04 1.25
CA LYS B 79 10.29 17.57 2.61
C LYS B 79 10.71 19.03 2.66
N THR B 80 10.56 19.72 1.55
CA THR B 80 10.89 21.12 1.44
C THR B 80 9.64 21.77 0.92
N LYS B 81 8.54 21.51 1.59
CA LYS B 81 7.27 22.04 1.10
C LYS B 81 7.35 23.56 1.00
N GLU B 82 7.72 24.23 2.09
CA GLU B 82 7.86 25.68 2.06
C GLU B 82 9.08 26.07 1.22
N LEU B 83 10.21 25.46 1.58
CA LEU B 83 11.53 25.66 0.97
C LEU B 83 11.64 25.39 -0.56
N ALA B 84 11.26 24.19 -1.00
CA ALA B 84 11.32 23.81 -2.41
C ALA B 84 10.45 24.69 -3.29
N HIS B 85 9.43 25.30 -2.69
CA HIS B 85 8.48 26.04 -3.48
C HIS B 85 8.67 27.54 -3.66
N GLN B 86 9.74 28.10 -3.13
CA GLN B 86 10.01 29.49 -3.45
C GLN B 86 10.68 29.33 -4.80
N TYR B 87 11.30 28.15 -4.96
CA TYR B 87 12.04 27.71 -6.14
C TYR B 87 11.16 27.12 -7.26
N THR B 88 10.39 26.08 -6.96
CA THR B 88 9.55 25.45 -7.98
C THR B 88 8.48 26.45 -8.46
N LYS B 89 7.93 27.22 -7.54
CA LYS B 89 6.96 28.25 -7.90
C LYS B 89 7.63 29.19 -8.90
N THR B 90 8.94 29.36 -8.73
CA THR B 90 9.77 30.22 -9.58
C THR B 90 9.82 29.74 -11.03
N GLN B 91 9.98 28.43 -11.20
CA GLN B 91 10.09 27.82 -12.53
C GLN B 91 8.77 27.79 -13.29
N LYS B 92 8.39 28.92 -13.86
CA LYS B 92 7.16 29.00 -14.62
C LYS B 92 7.24 28.08 -15.81
N GLY B 93 6.13 27.41 -16.14
CA GLY B 93 6.11 26.49 -17.26
C GLY B 93 6.49 25.07 -16.90
N LEU B 94 6.85 24.82 -15.63
CA LEU B 94 7.22 23.49 -15.14
C LEU B 94 6.15 22.87 -14.24
N PHE B 95 6.25 21.57 -13.98
CA PHE B 95 5.20 20.87 -13.22
C PHE B 95 5.52 20.12 -11.92
N THR B 96 5.01 20.62 -10.79
CA THR B 96 5.09 19.83 -9.57
C THR B 96 3.74 19.12 -9.63
N LEU B 97 3.50 18.17 -8.73
CA LEU B 97 2.22 17.49 -8.75
C LEU B 97 1.04 18.45 -8.58
N GLU B 98 1.21 19.44 -7.72
CA GLU B 98 0.16 20.42 -7.42
C GLU B 98 -0.22 21.30 -8.61
N ASN B 99 0.61 21.28 -9.65
CA ASN B 99 0.36 22.08 -10.84
C ASN B 99 -0.55 21.36 -11.83
N THR B 100 -0.67 20.03 -11.69
CA THR B 100 -1.55 19.24 -12.56
C THR B 100 -2.97 19.37 -12.04
N LEU B 101 -3.96 19.15 -12.92
CA LEU B 101 -5.38 19.27 -12.56
C LEU B 101 -5.81 18.55 -11.28
N LEU B 102 -5.65 17.22 -11.26
CA LEU B 102 -6.04 16.44 -10.09
C LEU B 102 -5.34 16.91 -8.81
N GLY B 103 -4.05 17.19 -8.90
CA GLY B 103 -3.29 17.64 -7.75
C GLY B 103 -3.69 19.06 -7.40
N TYR B 104 -4.05 19.83 -8.42
CA TYR B 104 -4.43 21.22 -8.24
C TYR B 104 -5.79 21.43 -7.54
N ILE B 105 -6.80 20.65 -7.94
CA ILE B 105 -8.11 20.76 -7.32
C ILE B 105 -8.11 20.13 -5.95
N ALA B 106 -7.33 19.06 -5.79
CA ALA B 106 -7.22 18.31 -4.54
C ALA B 106 -6.28 18.94 -3.48
N ASP B 107 -5.23 19.64 -3.93
CA ASP B 107 -4.25 20.29 -3.04
C ASP B 107 -4.84 20.93 -1.77
N ASP B 108 -4.30 20.57 -0.62
CA ASP B 108 -4.71 21.08 0.70
C ASP B 108 -6.06 20.63 1.20
N LEU B 109 -6.80 19.87 0.39
CA LEU B 109 -8.12 19.42 0.80
C LEU B 109 -8.11 18.11 1.56
N SER B 110 -9.14 17.89 2.37
CA SER B 110 -9.30 16.63 3.10
C SER B 110 -10.72 16.08 2.85
N TRP B 111 -10.83 14.76 2.74
CA TRP B 111 -12.12 14.13 2.50
C TRP B 111 -12.22 12.72 3.03
N CYS B 112 -13.38 12.42 3.61
CA CYS B 112 -13.70 11.07 4.07
C CYS B 112 -15.16 10.94 3.90
N GLY B 113 -15.62 9.70 3.82
CA GLY B 113 -17.01 9.41 3.70
C GLY B 113 -17.39 8.58 4.89
N LYS B 114 -18.68 8.30 5.00
CA LYS B 114 -19.20 7.52 6.09
C LYS B 114 -20.27 6.61 5.54
N VAL B 115 -20.25 5.34 5.95
CA VAL B 115 -21.25 4.40 5.49
C VAL B 115 -22.60 4.83 6.04
N GLY B 116 -23.63 4.80 5.20
CA GLY B 116 -24.94 5.22 5.61
C GLY B 116 -25.18 6.71 5.42
N SER B 117 -24.20 7.43 4.89
CA SER B 117 -24.33 8.86 4.67
C SER B 117 -24.04 9.27 3.23
N SER B 118 -24.94 10.03 2.64
CA SER B 118 -24.74 10.54 1.29
C SER B 118 -23.81 11.72 1.36
N GLU B 119 -23.62 12.21 2.59
CA GLU B 119 -22.79 13.39 2.91
C GLU B 119 -21.32 13.10 3.20
N ILE B 120 -20.50 14.17 3.18
CA ILE B 120 -19.09 14.05 3.54
C ILE B 120 -19.04 13.97 5.07
N ASN B 121 -17.88 13.66 5.62
CA ASN B 121 -17.75 13.59 7.08
C ASN B 121 -16.91 14.79 7.51
N LEU B 122 -17.58 15.84 7.96
CA LEU B 122 -16.89 17.05 8.39
C LEU B 122 -16.21 16.89 9.73
N GLU B 123 -16.75 16.02 10.54
CA GLU B 123 -16.23 15.79 11.87
C GLU B 123 -14.75 15.38 11.91
N SER B 124 -14.37 14.30 11.22
CA SER B 124 -12.96 13.84 11.20
C SER B 124 -12.70 12.70 10.23
N CYS B 125 -11.47 12.65 9.74
CA CYS B 125 -11.09 11.63 8.79
C CYS B 125 -9.94 10.79 9.35
N PRO B 126 -9.82 9.54 8.89
CA PRO B 126 -8.70 8.75 9.38
C PRO B 126 -7.45 9.25 8.62
N ASP B 127 -6.33 9.45 9.31
CA ASP B 127 -5.10 9.87 8.61
C ASP B 127 -4.20 8.67 8.39
N ARG B 128 -3.01 8.85 7.82
CA ARG B 128 -2.27 7.65 7.53
C ARG B 128 -1.84 6.82 8.74
N ARG B 129 -1.77 7.40 9.92
CA ARG B 129 -1.51 6.59 11.11
C ARG B 129 -2.72 5.86 11.68
N ASN B 130 -3.93 6.29 11.34
CA ASN B 130 -5.11 5.59 11.80
C ASN B 130 -5.25 4.32 10.92
N CYS B 131 -5.23 4.53 9.63
CA CYS B 131 -5.33 3.46 8.66
C CYS B 131 -4.72 3.98 7.39
N ASN B 132 -3.76 3.24 6.83
CA ASN B 132 -3.08 3.68 5.62
C ASN B 132 -4.03 3.83 4.45
N SER B 133 -5.03 2.94 4.43
CA SER B 133 -6.09 2.89 3.43
C SER B 133 -7.20 3.94 3.60
N ASN B 134 -6.84 5.18 3.93
CA ASN B 134 -7.84 6.23 4.00
C ASN B 134 -7.91 6.83 2.60
N PHE B 135 -9.03 7.44 2.26
CA PHE B 135 -9.22 7.99 0.92
C PHE B 135 -8.29 9.13 0.48
N VAL B 136 -7.78 9.92 1.41
CA VAL B 136 -6.91 11.04 1.01
C VAL B 136 -5.50 10.53 0.65
N SER B 137 -4.97 9.65 1.48
CA SER B 137 -3.65 9.08 1.28
C SER B 137 -3.56 8.14 0.09
N VAL B 138 -4.60 7.34 -0.12
CA VAL B 138 -4.61 6.42 -1.23
C VAL B 138 -4.63 7.24 -2.47
N PHE B 139 -5.29 8.37 -2.40
CA PHE B 139 -5.36 9.30 -3.53
C PHE B 139 -3.98 9.88 -3.84
N TRP B 140 -3.43 10.68 -2.93
CA TRP B 140 -2.12 11.30 -3.18
C TRP B 140 -1.07 10.28 -3.58
N ASN B 141 -1.18 9.07 -3.05
CA ASN B 141 -0.21 8.03 -3.34
C ASN B 141 -0.34 7.51 -4.76
N LEU B 142 -1.58 7.37 -5.22
CA LEU B 142 -1.84 6.91 -6.58
C LEU B 142 -1.39 7.97 -7.56
N LEU B 143 -1.63 9.22 -7.21
CA LEU B 143 -1.26 10.37 -8.02
C LEU B 143 0.25 10.42 -8.27
N SER B 144 1.04 10.23 -7.21
CA SER B 144 2.50 10.28 -7.30
C SER B 144 3.02 9.17 -8.20
N LYS B 145 2.49 7.97 -8.04
CA LYS B 145 2.87 6.82 -8.86
C LYS B 145 2.66 7.16 -10.33
N ARG B 146 1.49 7.70 -10.64
CA ARG B 146 1.13 8.08 -12.00
C ARG B 146 2.00 9.21 -12.56
N PHE B 147 2.15 10.27 -11.79
CA PHE B 147 2.94 11.43 -12.17
C PHE B 147 4.35 11.00 -12.52
N ALA B 148 4.90 10.07 -11.76
CA ALA B 148 6.26 9.57 -11.95
C ALA B 148 6.37 8.68 -13.20
N GLU B 149 5.36 7.84 -13.42
CA GLU B 149 5.35 6.96 -14.58
C GLU B 149 5.22 7.77 -15.85
N ASN B 150 4.47 8.88 -15.78
CA ASN B 150 4.26 9.75 -16.93
C ASN B 150 5.46 10.65 -17.22
N ALA B 151 6.47 10.62 -16.35
CA ALA B 151 7.64 11.46 -16.53
C ALA B 151 8.38 11.02 -17.78
N CYS B 152 8.92 12.02 -18.50
CA CYS B 152 9.66 11.79 -19.75
C CYS B 152 10.85 12.74 -19.79
N GLY B 153 11.91 12.29 -20.47
CA GLY B 153 13.10 13.09 -20.61
C GLY B 153 13.85 13.34 -19.32
N MET B 154 14.10 14.60 -19.02
CA MET B 154 14.84 14.99 -17.83
C MET B 154 13.92 15.39 -16.66
N VAL B 155 14.12 14.71 -15.53
CA VAL B 155 13.35 14.98 -14.32
C VAL B 155 14.29 15.56 -13.28
N GLN B 156 13.72 16.27 -12.31
CA GLN B 156 14.54 16.85 -11.26
C GLN B 156 13.75 16.88 -9.97
N VAL B 157 14.47 16.80 -8.85
CA VAL B 157 13.85 16.85 -7.53
C VAL B 157 14.57 17.90 -6.72
N PHE B 158 13.82 18.60 -5.89
CA PHE B 158 14.35 19.64 -5.01
C PHE B 158 14.42 19.12 -3.58
N LEU B 159 15.58 19.21 -2.96
CA LEU B 159 15.77 18.73 -1.61
C LEU B 159 16.35 19.80 -0.68
N ASN B 160 16.00 19.70 0.60
CA ASN B 160 16.44 20.64 1.66
C ASN B 160 17.77 20.23 2.27
N GLY B 161 18.84 20.94 1.93
CA GLY B 161 20.14 20.64 2.47
C GLY B 161 20.34 21.18 3.86
N SER B 162 19.28 21.74 4.43
CA SER B 162 19.34 22.29 5.78
C SER B 162 18.96 21.21 6.80
N ILE B 163 18.67 20.02 6.28
CA ILE B 163 18.31 18.88 7.13
C ILE B 163 19.25 17.70 6.89
N SER B 164 19.42 16.88 7.93
CA SER B 164 20.33 15.71 7.90
C SER B 164 20.18 14.73 6.74
N ASN B 165 18.96 14.40 6.36
CA ASN B 165 18.74 13.48 5.24
C ASN B 165 17.78 14.11 4.26
N ALA B 166 18.32 14.84 3.30
CA ALA B 166 17.53 15.52 2.30
C ALA B 166 16.70 14.46 1.58
N PHE B 167 17.33 13.31 1.33
CA PHE B 167 16.68 12.19 0.65
C PHE B 167 16.35 11.10 1.66
N ASP B 168 15.06 10.86 1.81
CA ASP B 168 14.52 9.91 2.79
C ASP B 168 13.79 8.76 2.04
N LYS B 169 14.19 7.52 2.28
CA LYS B 169 13.55 6.37 1.63
C LYS B 169 12.14 6.07 2.14
N THR B 170 11.72 6.77 3.20
CA THR B 170 10.37 6.59 3.74
C THR B 170 9.41 7.65 3.18
N SER B 171 9.91 8.62 2.44
CA SER B 171 9.03 9.65 1.88
C SER B 171 8.36 9.12 0.64
N THR B 172 7.35 9.81 0.16
CA THR B 172 6.62 9.39 -1.04
C THR B 172 7.56 9.43 -2.24
N PHE B 173 8.44 10.42 -2.25
CA PHE B 173 9.38 10.54 -3.34
C PHE B 173 10.36 9.38 -3.23
N GLY B 174 10.92 9.19 -2.05
CA GLY B 174 11.90 8.13 -1.83
C GLY B 174 11.42 6.68 -1.91
N ARG B 175 10.18 6.42 -1.51
CA ARG B 175 9.65 5.06 -1.55
C ARG B 175 8.78 4.81 -2.79
N VAL B 176 8.07 5.84 -3.23
CA VAL B 176 7.14 5.72 -4.34
C VAL B 176 7.60 6.28 -5.69
N GLU B 177 7.80 7.61 -5.76
CA GLU B 177 8.16 8.28 -7.00
C GLU B 177 9.41 7.81 -7.77
N VAL B 178 10.54 7.69 -7.09
CA VAL B 178 11.77 7.25 -7.77
C VAL B 178 11.68 5.89 -8.45
N HIS B 179 11.07 4.91 -7.79
CA HIS B 179 10.95 3.57 -8.34
C HIS B 179 9.95 3.49 -9.49
N SER B 180 9.01 4.41 -9.54
CA SER B 180 7.98 4.45 -10.59
C SER B 180 8.40 5.14 -11.92
N LEU B 181 9.56 5.78 -11.96
CA LEU B 181 10.06 6.43 -13.17
C LEU B 181 10.31 5.35 -14.21
N GLN B 182 10.19 5.70 -15.49
CA GLN B 182 10.42 4.72 -16.55
C GLN B 182 11.74 5.03 -17.25
N PRO B 183 12.72 4.11 -17.15
CA PRO B 183 14.04 4.27 -17.76
C PRO B 183 13.88 4.55 -19.25
N SER B 184 12.84 3.95 -19.82
CA SER B 184 12.50 4.12 -21.22
C SER B 184 12.07 5.55 -21.54
N LYS B 185 11.42 6.20 -20.57
CA LYS B 185 10.94 7.56 -20.74
C LYS B 185 11.89 8.58 -20.10
N VAL B 186 12.67 8.12 -19.13
CA VAL B 186 13.60 8.99 -18.43
C VAL B 186 15.05 8.50 -18.49
N HIS B 187 15.94 9.42 -18.84
CA HIS B 187 17.35 9.12 -18.94
C HIS B 187 18.15 9.80 -17.83
N THR B 188 17.64 10.94 -17.36
CA THR B 188 18.33 11.71 -16.35
C THR B 188 17.45 12.20 -15.20
N LEU B 189 18.06 12.32 -14.03
CA LEU B 189 17.43 12.91 -12.86
C LEU B 189 18.44 13.88 -12.28
N LYS B 190 18.01 15.12 -12.01
CA LYS B 190 18.90 16.13 -11.45
C LYS B 190 18.46 16.43 -10.04
N ALA B 191 19.42 16.55 -9.16
CA ALA B 191 19.11 16.85 -7.78
C ALA B 191 19.65 18.23 -7.41
N TRP B 192 18.79 19.04 -6.80
CA TRP B 192 19.19 20.34 -6.30
C TRP B 192 19.00 20.35 -4.78
N VAL B 193 20.08 20.66 -4.06
CA VAL B 193 20.03 20.77 -2.62
C VAL B 193 20.04 22.26 -2.27
N ILE B 194 18.99 22.72 -1.61
CA ILE B 194 18.92 24.13 -1.28
C ILE B 194 19.48 24.41 0.08
N HIS B 195 20.37 25.41 0.13
CA HIS B 195 21.03 25.81 1.35
C HIS B 195 20.58 27.19 1.79
N ASP B 196 20.54 27.38 3.10
CA ASP B 196 20.17 28.66 3.67
C ASP B 196 21.39 29.28 4.32
N SER B 197 21.61 30.56 4.04
CA SER B 197 22.72 31.28 4.63
C SER B 197 22.47 31.38 6.12
N GLY B 198 23.53 31.63 6.88
CA GLY B 198 23.40 31.77 8.33
C GLY B 198 23.41 30.46 9.08
N LYS B 199 23.45 29.35 8.36
CA LYS B 199 23.48 28.05 9.00
C LYS B 199 24.45 27.13 8.32
N THR B 200 24.81 26.06 9.03
CA THR B 200 25.78 25.10 8.56
C THR B 200 25.10 23.93 7.86
N PRO B 201 25.56 23.58 6.60
CA PRO B 201 24.78 22.51 5.97
C PRO B 201 24.60 21.27 6.81
N ARG B 202 23.46 20.61 6.64
CA ARG B 202 23.16 19.36 7.34
C ARG B 202 23.46 18.15 6.46
N ASP B 203 23.12 18.28 5.17
CA ASP B 203 23.32 17.24 4.18
C ASP B 203 23.84 17.92 2.94
N THR B 204 24.39 17.14 2.01
CA THR B 204 24.93 17.71 0.78
C THR B 204 25.01 16.65 -0.29
N CYS B 205 25.47 17.07 -1.46
CA CYS B 205 25.62 16.18 -2.61
C CYS B 205 26.62 15.04 -2.44
N SER B 206 27.52 15.19 -1.48
CA SER B 206 28.50 14.16 -1.22
C SER B 206 28.03 13.31 -0.04
N GLY B 207 26.81 13.57 0.40
CA GLY B 207 26.25 12.85 1.52
C GLY B 207 25.77 11.46 1.18
N SER B 208 25.68 10.61 2.21
CA SER B 208 25.24 9.23 2.01
C SER B 208 23.80 9.18 1.55
N SER B 209 23.01 10.15 2.01
CA SER B 209 21.62 10.25 1.63
C SER B 209 21.48 10.38 0.13
N ILE B 210 22.30 11.24 -0.47
CA ILE B 210 22.25 11.43 -1.92
C ILE B 210 22.71 10.18 -2.61
N ASN B 211 23.71 9.54 -2.02
CA ASN B 211 24.30 8.33 -2.57
C ASN B 211 23.26 7.22 -2.69
N GLU B 212 22.46 7.03 -1.65
CA GLU B 212 21.45 5.99 -1.74
C GLU B 212 20.44 6.33 -2.83
N LEU B 213 20.30 7.63 -3.12
CA LEU B 213 19.41 8.05 -4.23
C LEU B 213 20.11 7.72 -5.53
N GLN B 214 21.39 8.04 -5.58
CA GLN B 214 22.22 7.79 -6.75
C GLN B 214 22.25 6.31 -7.13
N LEU B 215 22.31 5.43 -6.12
CA LEU B 215 22.36 3.98 -6.37
C LEU B 215 21.04 3.47 -6.92
N ILE B 216 19.91 3.95 -6.39
CA ILE B 216 18.61 3.55 -6.88
C ILE B 216 18.56 3.80 -8.38
N LEU B 217 18.86 5.03 -8.80
CA LEU B 217 18.87 5.41 -10.21
C LEU B 217 19.86 4.57 -10.99
N ARG B 218 21.02 4.35 -10.39
CA ARG B 218 22.06 3.56 -11.01
C ARG B 218 21.54 2.17 -11.31
N GLY B 219 20.67 1.65 -10.44
CA GLY B 219 20.11 0.32 -10.65
C GLY B 219 19.19 0.26 -11.85
N LYS B 220 18.67 1.42 -12.27
CA LYS B 220 17.75 1.53 -13.40
C LYS B 220 18.46 2.02 -14.67
N ASN B 221 19.74 2.35 -14.56
CA ASN B 221 20.53 2.85 -15.67
C ASN B 221 20.06 4.24 -16.09
N ILE B 222 19.57 5.00 -15.11
CA ILE B 222 19.13 6.37 -15.29
C ILE B 222 20.18 7.28 -14.68
N LYS B 223 20.70 8.19 -15.50
CA LYS B 223 21.73 9.14 -15.09
C LYS B 223 21.31 9.94 -13.89
N PHE B 224 22.24 10.18 -12.97
CA PHE B 224 21.94 11.03 -11.82
C PHE B 224 22.89 12.22 -11.73
N THR B 225 22.34 13.37 -11.28
CA THR B 225 23.14 14.56 -11.15
C THR B 225 22.79 15.35 -9.91
N CYS B 226 23.79 15.90 -9.24
CA CYS B 226 23.53 16.67 -8.03
C CYS B 226 24.33 17.95 -8.06
N GLN B 227 23.63 19.04 -7.79
CA GLN B 227 24.23 20.36 -7.78
C GLN B 227 23.69 21.04 -6.53
N GLU B 228 24.50 21.88 -5.91
CA GLU B 228 24.05 22.57 -4.69
C GLU B 228 23.86 24.04 -4.94
N ASN B 229 22.65 24.51 -4.70
CA ASN B 229 22.33 25.90 -4.88
C ASN B 229 21.77 26.46 -3.59
N TYR B 230 21.73 27.79 -3.49
CA TYR B 230 21.20 28.46 -2.32
C TYR B 230 19.93 29.17 -2.73
N ARG B 231 19.14 29.55 -1.74
CA ARG B 231 17.90 30.25 -2.03
C ARG B 231 18.19 31.74 -2.12
#